data_4IXD
#
_entry.id   4IXD
#
_cell.length_a   45.300
_cell.length_b   65.900
_cell.length_c   133.600
_cell.angle_alpha   90.00
_cell.angle_beta   90.00
_cell.angle_gamma   90.00
#
_symmetry.space_group_name_H-M   'I 2 2 2'
#
loop_
_entity.id
_entity.type
_entity.pdbx_description
1 polymer 'Integrin alpha-L'
2 non-polymer 'MAGNESIUM ION'
3 non-polymer 4-(3-{4-[(3-aminopropyl)carbamoyl]phenyl}-1H-indazol-1-yl)-N-methylbenzamide
4 water water
#
_entity_poly.entity_id   1
_entity_poly.type   'polypeptide(L)'
_entity_poly.pdbx_seq_one_letter_code
;MASKGNVDLVFLFDGSMSLQPDEFQKILDFMKDVMKKLSNTSYQFAAVQFSTSYKTEFDFSDYVKWKDPDALLKHVKHML
LLTNTFGAINYVATEVFREELGARPDATKVLIIITDGEATDSGNIDAAKDIIRYIIGIGKHFQTKESQETLHKFASKPAS
EFVKILDTFEKLKDLFTELQKKIYVIEG
;
_entity_poly.pdbx_strand_id   A
#
# COMPACT_ATOMS: atom_id res chain seq x y z
N GLY A 5 -20.93 1.05 -7.11
CA GLY A 5 -19.82 0.30 -6.46
C GLY A 5 -18.48 0.96 -6.71
N ASN A 6 -18.26 2.12 -6.09
CA ASN A 6 -16.98 2.82 -6.24
C ASN A 6 -15.96 2.30 -5.24
N VAL A 7 -14.70 2.20 -5.67
CA VAL A 7 -13.62 1.77 -4.80
C VAL A 7 -12.53 2.84 -4.75
N ASP A 8 -12.28 3.35 -3.55
CA ASP A 8 -11.17 4.27 -3.31
C ASP A 8 -10.04 3.46 -2.69
N LEU A 9 -8.94 3.32 -3.42
CA LEU A 9 -7.83 2.48 -2.97
C LEU A 9 -6.56 3.30 -2.74
N VAL A 10 -5.95 3.11 -1.57
CA VAL A 10 -4.69 3.78 -1.23
C VAL A 10 -3.57 2.76 -1.14
N PHE A 11 -2.45 3.06 -1.82
CA PHE A 11 -1.21 2.31 -1.61
C PHE A 11 -0.42 3.01 -0.53
N LEU A 12 -0.11 2.30 0.54
CA LEU A 12 0.74 2.82 1.62
C LEU A 12 2.06 2.08 1.60
N PHE A 13 3.12 2.75 1.14
CA PHE A 13 4.38 2.06 0.84
C PHE A 13 5.58 2.52 1.65
N ASP A 14 6.29 1.51 2.14
CA ASP A 14 7.50 1.62 2.95
C ASP A 14 8.60 2.35 2.18
N GLY A 15 9.15 3.40 2.78
CA GLY A 15 10.32 4.08 2.23
C GLY A 15 11.51 4.07 3.19
N SER A 16 11.63 3.00 3.97
CA SER A 16 12.66 2.90 5.01
C SER A 16 14.09 2.74 4.46
N MET A 17 15.05 2.94 5.36
CA MET A 17 16.48 2.91 5.02
CA MET A 17 16.49 2.90 5.05
C MET A 17 16.96 1.55 4.51
N SER A 18 16.28 0.48 4.93
CA SER A 18 16.64 -0.88 4.52
C SER A 18 16.52 -1.13 3.02
N LEU A 19 15.60 -0.40 2.38
CA LEU A 19 15.30 -0.63 0.97
C LEU A 19 16.39 -0.14 0.02
N GLN A 20 16.88 -1.05 -0.82
CA GLN A 20 17.80 -0.69 -1.89
C GLN A 20 17.03 0.00 -3.02
N PRO A 21 17.72 0.83 -3.83
CA PRO A 21 17.07 1.56 -4.93
C PRO A 21 16.20 0.69 -5.84
N ASP A 22 16.69 -0.50 -6.21
CA ASP A 22 15.94 -1.41 -7.07
C ASP A 22 14.74 -2.04 -6.36
N GLU A 23 14.87 -2.26 -5.05
CA GLU A 23 13.77 -2.82 -4.25
C GLU A 23 12.64 -1.79 -4.10
N PHE A 24 13.01 -0.54 -3.82
CA PHE A 24 12.07 0.57 -3.78
C PHE A 24 11.35 0.73 -5.12
N GLN A 25 12.10 0.63 -6.22
CA GLN A 25 11.49 0.76 -7.54
C GLN A 25 10.51 -0.39 -7.83
N LYS A 26 10.85 -1.60 -7.38
CA LYS A 26 9.97 -2.75 -7.55
C LYS A 26 8.63 -2.56 -6.84
N ILE A 27 8.66 -1.90 -5.68
CA ILE A 27 7.44 -1.56 -4.94
C ILE A 27 6.59 -0.59 -5.76
N LEU A 28 7.24 0.46 -6.28
CA LEU A 28 6.57 1.44 -7.14
C LEU A 28 5.99 0.80 -8.40
N ASP A 29 6.74 -0.11 -9.02
CA ASP A 29 6.28 -0.82 -10.21
C ASP A 29 5.03 -1.66 -9.97
N PHE A 30 4.99 -2.34 -8.83
CA PHE A 30 3.81 -3.12 -8.44
C PHE A 30 2.58 -2.22 -8.34
N MET A 31 2.74 -1.08 -7.67
CA MET A 31 1.68 -0.08 -7.57
C MET A 31 1.21 0.38 -8.94
N LYS A 32 2.16 0.73 -9.81
CA LYS A 32 1.85 1.11 -11.20
C LYS A 32 1.12 0.01 -11.95
N ASP A 33 1.59 -1.24 -11.80
CA ASP A 33 0.97 -2.40 -12.48
C ASP A 33 -0.50 -2.53 -12.13
N VAL A 34 -0.81 -2.42 -10.83
CA VAL A 34 -2.20 -2.52 -10.35
C VAL A 34 -3.05 -1.39 -10.93
N MET A 35 -2.54 -0.16 -10.84
CA MET A 35 -3.29 1.00 -11.34
C MET A 35 -3.53 0.95 -12.84
N LYS A 36 -2.52 0.55 -13.60
CA LYS A 36 -2.66 0.44 -15.06
C LYS A 36 -3.71 -0.60 -15.44
N LYS A 37 -3.71 -1.73 -14.74
CA LYS A 37 -4.67 -2.80 -15.00
C LYS A 37 -6.10 -2.34 -14.72
N LEU A 38 -6.25 -1.49 -13.71
CA LEU A 38 -7.57 -1.00 -13.28
C LEU A 38 -7.88 0.44 -13.74
N SER A 39 -7.21 0.86 -14.81
CA SER A 39 -7.53 2.15 -15.44
C SER A 39 -8.95 2.12 -16.00
N ASN A 40 -9.60 3.28 -16.02
CA ASN A 40 -10.95 3.43 -16.59
C ASN A 40 -12.01 2.54 -15.96
N THR A 41 -11.88 2.29 -14.65
CA THR A 41 -12.85 1.48 -13.91
C THR A 41 -13.48 2.36 -12.82
N SER A 42 -14.15 1.72 -11.87
CA SER A 42 -14.71 2.43 -10.71
C SER A 42 -13.66 2.66 -9.62
N TYR A 43 -12.43 2.22 -9.87
CA TYR A 43 -11.31 2.44 -8.94
C TYR A 43 -10.69 3.80 -9.14
N GLN A 44 -10.40 4.47 -8.03
CA GLN A 44 -9.57 5.67 -8.05
C GLN A 44 -8.55 5.54 -6.93
N PHE A 45 -7.39 6.15 -7.11
CA PHE A 45 -6.22 5.81 -6.29
C PHE A 45 -5.55 7.01 -5.63
N ALA A 46 -4.89 6.72 -4.51
CA ALA A 46 -3.96 7.64 -3.86
C ALA A 46 -2.76 6.81 -3.41
N ALA A 47 -1.60 7.45 -3.28
CA ALA A 47 -0.40 6.76 -2.81
C ALA A 47 0.31 7.57 -1.74
N VAL A 48 0.70 6.88 -0.66
CA VAL A 48 1.33 7.51 0.49
C VAL A 48 2.64 6.78 0.81
N GLN A 49 3.75 7.50 0.82
CA GLN A 49 5.01 6.93 1.28
C GLN A 49 5.10 7.11 2.79
N PHE A 50 5.54 6.06 3.49
CA PHE A 50 5.79 6.18 4.91
C PHE A 50 7.17 5.67 5.31
N SER A 51 7.78 6.37 6.26
CA SER A 51 9.03 5.92 6.85
C SER A 51 8.97 6.36 8.31
N THR A 52 9.70 7.40 8.67
CA THR A 52 9.52 8.01 10.00
C THR A 52 8.25 8.86 10.00
N SER A 53 8.03 9.58 8.90
CA SER A 53 6.80 10.32 8.68
C SER A 53 6.16 9.93 7.34
N TYR A 54 5.23 10.76 6.87
CA TYR A 54 4.33 10.36 5.80
C TYR A 54 4.25 11.43 4.73
N LYS A 55 4.09 11.00 3.48
CA LYS A 55 3.90 11.92 2.37
C LYS A 55 2.89 11.35 1.38
N THR A 56 1.81 12.10 1.18
CA THR A 56 0.84 11.78 0.14
C THR A 56 1.45 12.15 -1.20
N GLU A 57 1.97 11.15 -1.90
CA GLU A 57 2.66 11.37 -3.18
C GLU A 57 1.70 11.84 -4.26
N PHE A 58 0.48 11.29 -4.25
CA PHE A 58 -0.63 11.85 -5.01
C PHE A 58 -1.94 11.45 -4.34
N ASP A 59 -2.96 12.28 -4.50
CA ASP A 59 -4.27 11.97 -3.92
C ASP A 59 -5.27 11.58 -5.01
N PHE A 60 -6.50 11.31 -4.59
CA PHE A 60 -7.54 10.84 -5.53
C PHE A 60 -7.81 11.85 -6.64
N SER A 61 -7.85 13.14 -6.28
CA SER A 61 -8.05 14.21 -7.26
C SER A 61 -6.93 14.24 -8.29
N ASP A 62 -5.69 14.04 -7.82
CA ASP A 62 -4.53 13.92 -8.71
C ASP A 62 -4.72 12.77 -9.69
N TYR A 63 -5.20 11.63 -9.18
CA TYR A 63 -5.42 10.47 -10.04
C TYR A 63 -6.49 10.75 -11.11
N VAL A 64 -7.61 11.36 -10.71
CA VAL A 64 -8.68 11.70 -11.66
C VAL A 64 -8.15 12.61 -12.78
N LYS A 65 -7.39 13.62 -12.40
CA LYS A 65 -6.81 14.58 -13.35
C LYS A 65 -5.84 13.93 -14.35
N TRP A 66 -4.92 13.11 -13.85
CA TRP A 66 -3.82 12.57 -14.67
C TRP A 66 -4.07 11.18 -15.25
N LYS A 67 -4.66 10.29 -14.46
CA LYS A 67 -4.91 8.90 -14.88
C LYS A 67 -3.68 8.21 -15.49
N ASP A 68 -2.52 8.54 -14.96
CA ASP A 68 -1.24 8.07 -15.49
C ASP A 68 -0.30 7.73 -14.35
N PRO A 69 -0.22 6.44 -13.98
CA PRO A 69 0.61 5.99 -12.86
C PRO A 69 2.09 6.38 -12.99
N ASP A 70 2.62 6.31 -14.20
CA ASP A 70 4.01 6.71 -14.45
C ASP A 70 4.25 8.18 -14.10
N ALA A 71 3.36 9.06 -14.53
CA ALA A 71 3.48 10.48 -14.24
C ALA A 71 3.26 10.80 -12.76
N LEU A 72 2.30 10.10 -12.15
CA LEU A 72 1.90 10.36 -10.77
C LEU A 72 2.97 10.00 -9.74
N LEU A 73 3.82 9.04 -10.10
CA LEU A 73 4.86 8.54 -9.20
C LEU A 73 6.28 8.86 -9.67
N LYS A 74 6.39 9.71 -10.69
CA LYS A 74 7.69 10.03 -11.29
C LYS A 74 8.64 10.78 -10.35
N HIS A 75 8.07 11.57 -9.43
CA HIS A 75 8.88 12.42 -8.56
C HIS A 75 8.81 12.03 -7.08
N VAL A 76 8.72 10.73 -6.82
CA VAL A 76 8.81 10.18 -5.47
C VAL A 76 10.28 10.15 -5.03
N LYS A 77 10.55 10.66 -3.83
CA LYS A 77 11.90 10.61 -3.28
C LYS A 77 11.95 9.67 -2.07
N HIS A 78 12.78 8.64 -2.18
CA HIS A 78 12.96 7.63 -1.14
C HIS A 78 13.39 8.29 0.18
N MET A 79 12.54 8.14 1.21
CA MET A 79 12.74 8.80 2.51
C MET A 79 13.98 8.31 3.26
N LEU A 80 14.19 7.00 3.23
CA LEU A 80 15.37 6.33 3.81
C LEU A 80 15.46 6.45 5.34
N LEU A 81 14.34 6.31 6.04
CA LEU A 81 14.34 6.43 7.48
C LEU A 81 13.74 5.19 8.16
N LEU A 82 12.85 5.38 9.14
CA LEU A 82 12.33 4.26 9.93
C LEU A 82 11.04 3.67 9.34
N THR A 83 10.23 3.01 10.18
CA THR A 83 9.05 2.28 9.70
C THR A 83 7.85 2.45 10.65
N ASN A 84 7.33 3.66 10.72
CA ASN A 84 6.26 3.97 11.66
C ASN A 84 4.88 3.61 11.10
N THR A 85 4.63 2.30 11.02
CA THR A 85 3.45 1.74 10.37
C THR A 85 2.13 2.11 11.05
N PHE A 86 2.10 2.12 12.38
CA PHE A 86 0.89 2.51 13.10
C PHE A 86 0.49 3.94 12.73
N GLY A 87 1.46 4.85 12.86
CA GLY A 87 1.23 6.26 12.53
C GLY A 87 0.81 6.46 11.09
N ALA A 88 1.42 5.68 10.20
CA ALA A 88 1.15 5.75 8.76
C ALA A 88 -0.28 5.37 8.41
N ILE A 89 -0.74 4.24 8.96
CA ILE A 89 -2.11 3.77 8.73
C ILE A 89 -3.12 4.80 9.27
N ASN A 90 -2.83 5.35 10.44
CA ASN A 90 -3.65 6.42 11.00
C ASN A 90 -3.65 7.68 10.14
N TYR A 91 -2.50 8.02 9.57
CA TYR A 91 -2.41 9.15 8.64
C TYR A 91 -3.31 8.93 7.41
N VAL A 92 -3.27 7.73 6.83
CA VAL A 92 -4.13 7.41 5.70
C VAL A 92 -5.62 7.58 6.07
N ALA A 93 -6.01 7.03 7.22
CA ALA A 93 -7.40 7.03 7.66
C ALA A 93 -7.95 8.44 7.89
N THR A 94 -7.11 9.32 8.44
CA THR A 94 -7.54 10.66 8.86
C THR A 94 -7.14 11.81 7.92
N GLU A 95 -6.12 11.60 7.09
CA GLU A 95 -5.59 12.69 6.25
C GLU A 95 -5.62 12.42 4.76
N VAL A 96 -5.97 11.20 4.37
CA VAL A 96 -5.95 10.81 2.95
C VAL A 96 -7.36 10.45 2.43
N PHE A 97 -8.04 9.57 3.16
CA PHE A 97 -9.44 9.26 2.85
C PHE A 97 -10.31 10.43 3.30
N ARG A 98 -10.32 11.47 2.46
CA ARG A 98 -10.97 12.73 2.76
C ARG A 98 -11.61 13.27 1.48
N GLU A 99 -12.86 13.71 1.58
CA GLU A 99 -13.55 14.30 0.43
C GLU A 99 -12.77 15.46 -0.17
N GLU A 100 -12.13 16.26 0.69
CA GLU A 100 -11.30 17.40 0.26
C GLU A 100 -10.23 16.99 -0.75
N LEU A 101 -9.78 15.74 -0.65
CA LEU A 101 -8.70 15.23 -1.49
C LEU A 101 -9.19 14.30 -2.61
N GLY A 102 -10.50 14.30 -2.82
CA GLY A 102 -11.10 13.57 -3.93
C GLY A 102 -11.70 12.22 -3.58
N ALA A 103 -11.64 11.85 -2.29
CA ALA A 103 -12.31 10.62 -1.84
C ALA A 103 -13.81 10.73 -2.02
N ARG A 104 -14.43 9.63 -2.42
CA ARG A 104 -15.86 9.60 -2.72
C ARG A 104 -16.64 9.10 -1.52
N PRO A 105 -17.66 9.86 -1.09
CA PRO A 105 -18.50 9.41 0.00
C PRO A 105 -19.11 8.05 -0.30
N ASP A 106 -19.10 7.17 0.71
CA ASP A 106 -19.73 5.85 0.64
C ASP A 106 -19.02 4.84 -0.27
N ALA A 107 -17.87 5.21 -0.83
CA ALA A 107 -17.09 4.28 -1.64
C ALA A 107 -16.50 3.21 -0.74
N THR A 108 -16.25 2.03 -1.33
CA THR A 108 -15.53 0.98 -0.62
C THR A 108 -14.08 1.43 -0.48
N LYS A 109 -13.58 1.45 0.75
CA LYS A 109 -12.20 1.86 1.01
C LYS A 109 -11.29 0.65 1.08
N VAL A 110 -10.17 0.72 0.37
CA VAL A 110 -9.16 -0.34 0.36
C VAL A 110 -7.77 0.24 0.62
N LEU A 111 -7.00 -0.46 1.44
CA LEU A 111 -5.59 -0.15 1.66
C LEU A 111 -4.72 -1.31 1.20
N ILE A 112 -3.68 -1.01 0.45
CA ILE A 112 -2.63 -1.99 0.18
C ILE A 112 -1.37 -1.45 0.83
N ILE A 113 -0.96 -2.09 1.91
CA ILE A 113 0.23 -1.70 2.66
C ILE A 113 1.39 -2.58 2.19
N ILE A 114 2.52 -1.94 1.84
CA ILE A 114 3.69 -2.65 1.33
C ILE A 114 4.90 -2.32 2.19
N THR A 115 5.49 -3.33 2.82
CA THR A 115 6.54 -3.08 3.81
C THR A 115 7.66 -4.14 3.80
N ASP A 116 8.86 -3.75 4.22
CA ASP A 116 10.00 -4.68 4.30
C ASP A 116 10.58 -4.82 5.73
N GLY A 117 9.82 -4.36 6.72
CA GLY A 117 10.27 -4.47 8.11
C GLY A 117 9.15 -4.38 9.12
N GLU A 118 9.45 -4.77 10.36
CA GLU A 118 8.50 -4.62 11.46
C GLU A 118 8.32 -3.15 11.79
N ALA A 119 7.14 -2.81 12.31
CA ALA A 119 6.83 -1.44 12.71
C ALA A 119 7.79 -0.99 13.80
N THR A 120 8.24 0.26 13.70
CA THR A 120 9.13 0.85 14.69
C THR A 120 8.36 1.70 15.70
N ASP A 121 7.04 1.74 15.56
CA ASP A 121 6.16 2.41 16.52
C ASP A 121 5.11 1.44 17.10
N SER A 122 4.15 1.99 17.84
CA SER A 122 3.10 1.18 18.46
C SER A 122 1.81 1.99 18.61
N GLY A 123 0.77 1.33 19.10
CA GLY A 123 -0.52 1.98 19.31
C GLY A 123 -1.65 1.11 18.81
N ASN A 124 -2.55 1.72 18.06
CA ASN A 124 -3.66 1.00 17.44
C ASN A 124 -4.02 1.62 16.10
N ILE A 125 -4.72 0.84 15.27
CA ILE A 125 -5.23 1.34 14.00
C ILE A 125 -6.76 1.35 13.96
N ASP A 126 -7.39 1.60 15.10
CA ASP A 126 -8.85 1.69 15.19
C ASP A 126 -9.45 2.63 14.14
N ALA A 127 -8.83 3.79 13.95
CA ALA A 127 -9.31 4.81 13.01
C ALA A 127 -9.43 4.29 11.57
N ALA A 128 -8.71 3.21 11.26
CA ALA A 128 -8.66 2.67 9.90
C ALA A 128 -9.43 1.36 9.73
N LYS A 129 -10.17 0.96 10.77
CA LYS A 129 -10.75 -0.38 10.81
C LYS A 129 -11.87 -0.65 9.78
N ASP A 130 -12.49 0.40 9.26
CA ASP A 130 -13.52 0.22 8.23
C ASP A 130 -12.96 0.14 6.81
N ILE A 131 -11.64 0.21 6.71
CA ILE A 131 -10.93 0.05 5.45
C ILE A 131 -10.56 -1.42 5.28
N ILE A 132 -10.79 -1.96 4.09
CA ILE A 132 -10.32 -3.30 3.75
C ILE A 132 -8.81 -3.22 3.58
N ARG A 133 -8.08 -3.94 4.43
CA ARG A 133 -6.63 -3.77 4.53
C ARG A 133 -5.83 -5.01 4.14
N TYR A 134 -5.09 -4.90 3.05
CA TYR A 134 -4.10 -5.92 2.66
C TYR A 134 -2.73 -5.43 3.09
N ILE A 135 -1.88 -6.35 3.51
CA ILE A 135 -0.48 -6.04 3.79
C ILE A 135 0.45 -7.03 3.09
N ILE A 136 1.48 -6.48 2.45
CA ILE A 136 2.48 -7.27 1.76
C ILE A 136 3.81 -7.04 2.49
N GLY A 137 4.30 -8.08 3.13
CA GLY A 137 5.59 -8.05 3.83
C GLY A 137 6.62 -8.77 3.00
N ILE A 138 7.71 -8.07 2.68
CA ILE A 138 8.70 -8.57 1.71
C ILE A 138 10.10 -8.66 2.29
N GLY A 139 10.75 -9.80 2.04
CA GLY A 139 12.19 -9.91 2.21
C GLY A 139 12.68 -10.54 3.49
N LYS A 140 13.98 -10.43 3.72
CA LYS A 140 14.67 -11.14 4.80
C LYS A 140 14.22 -10.79 6.21
N HIS A 141 13.65 -9.60 6.40
CA HIS A 141 13.16 -9.21 7.73
C HIS A 141 11.90 -9.97 8.14
N PHE A 142 11.31 -10.70 7.20
CA PHE A 142 10.12 -11.52 7.48
C PHE A 142 10.40 -13.01 7.31
N GLN A 143 11.66 -13.38 7.55
CA GLN A 143 12.11 -14.76 7.51
C GLN A 143 11.36 -15.64 8.52
N THR A 144 11.28 -15.18 9.77
CA THR A 144 10.67 -15.95 10.84
C THR A 144 9.15 -15.85 10.82
N LYS A 145 8.47 -16.92 11.25
CA LYS A 145 7.02 -16.89 11.42
C LYS A 145 6.60 -15.81 12.42
N GLU A 146 7.43 -15.61 13.45
CA GLU A 146 7.17 -14.58 14.46
C GLU A 146 7.07 -13.17 13.86
N SER A 147 8.01 -12.83 12.98
CA SER A 147 8.01 -11.50 12.34
C SER A 147 6.80 -11.33 11.43
N GLN A 148 6.44 -12.40 10.71
CA GLN A 148 5.28 -12.38 9.81
C GLN A 148 3.98 -12.13 10.60
N GLU A 149 3.90 -12.75 11.77
CA GLU A 149 2.74 -12.61 12.66
C GLU A 149 2.50 -11.17 13.11
N THR A 150 3.57 -10.38 13.22
CA THR A 150 3.44 -8.98 13.66
C THR A 150 2.65 -8.12 12.67
N LEU A 151 2.52 -8.60 11.43
CA LEU A 151 1.78 -7.86 10.40
C LEU A 151 0.27 -8.11 10.46
N HIS A 152 -0.14 -9.16 11.16
CA HIS A 152 -1.55 -9.55 11.21
C HIS A 152 -2.47 -8.45 11.75
N LYS A 153 -1.99 -7.73 12.77
CA LYS A 153 -2.78 -6.69 13.42
C LYS A 153 -3.14 -5.53 12.48
N PHE A 154 -2.35 -5.34 11.43
CA PHE A 154 -2.60 -4.24 10.49
C PHE A 154 -3.64 -4.59 9.43
N ALA A 155 -3.79 -5.88 9.14
CA ALA A 155 -4.62 -6.35 8.04
C ALA A 155 -6.03 -6.76 8.46
N SER A 156 -6.95 -6.77 7.49
CA SER A 156 -8.29 -7.31 7.71
C SER A 156 -8.19 -8.82 7.97
N LYS A 157 -9.29 -9.40 8.43
CA LYS A 157 -9.32 -10.81 8.82
C LYS A 157 -10.09 -11.66 7.80
N PRO A 158 -9.64 -12.91 7.54
CA PRO A 158 -8.51 -13.59 8.17
C PRO A 158 -7.16 -13.21 7.55
N ALA A 159 -6.10 -13.38 8.33
CA ALA A 159 -4.73 -13.13 7.86
C ALA A 159 -4.36 -14.00 6.66
N SER A 160 -4.93 -15.21 6.59
CA SER A 160 -4.72 -16.12 5.47
C SER A 160 -5.08 -15.50 4.13
N GLU A 161 -6.01 -14.54 4.16
CA GLU A 161 -6.45 -13.82 2.97
C GLU A 161 -5.70 -12.49 2.76
N PHE A 162 -5.55 -11.72 3.84
CA PHE A 162 -5.13 -10.32 3.74
C PHE A 162 -3.64 -10.04 3.99
N VAL A 163 -2.92 -11.04 4.50
CA VAL A 163 -1.48 -10.94 4.72
C VAL A 163 -0.73 -11.76 3.67
N LYS A 164 0.10 -11.08 2.87
CA LYS A 164 0.94 -11.73 1.88
C LYS A 164 2.41 -11.60 2.28
N ILE A 165 3.08 -12.74 2.46
CA ILE A 165 4.51 -12.75 2.76
C ILE A 165 5.29 -13.20 1.54
N LEU A 166 6.17 -12.32 1.06
CA LEU A 166 7.01 -12.57 -0.11
CA LEU A 166 7.00 -12.57 -0.11
C LEU A 166 8.46 -12.66 0.29
N ASP A 167 9.16 -13.71 -0.16
CA ASP A 167 10.56 -13.85 0.21
C ASP A 167 11.49 -12.88 -0.52
N THR A 168 11.10 -12.45 -1.72
CA THR A 168 11.92 -11.50 -2.50
C THR A 168 11.06 -10.43 -3.15
N PHE A 169 11.69 -9.33 -3.53
CA PHE A 169 10.98 -8.25 -4.23
C PHE A 169 10.60 -8.63 -5.66
N GLU A 170 11.36 -9.56 -6.24
CA GLU A 170 11.04 -10.15 -7.54
C GLU A 170 9.66 -10.84 -7.53
N LYS A 171 9.27 -11.34 -6.36
CA LYS A 171 7.99 -12.04 -6.18
C LYS A 171 6.76 -11.12 -6.29
N LEU A 172 6.98 -9.81 -6.29
CA LEU A 172 5.89 -8.85 -6.53
C LEU A 172 5.25 -9.08 -7.91
N LYS A 173 6.07 -9.49 -8.87
CA LYS A 173 5.59 -9.84 -10.20
C LYS A 173 4.63 -11.03 -10.15
N ASP A 174 5.02 -12.06 -9.38
CA ASP A 174 4.20 -13.24 -9.21
CA ASP A 174 4.20 -13.25 -9.17
C ASP A 174 2.90 -12.92 -8.46
N LEU A 175 2.99 -12.01 -7.48
CA LEU A 175 1.80 -11.57 -6.74
C LEU A 175 0.81 -10.85 -7.67
N PHE A 176 1.33 -10.01 -8.55
CA PHE A 176 0.51 -9.30 -9.54
C PHE A 176 -0.15 -10.28 -10.52
N THR A 177 0.61 -11.31 -10.92
CA THR A 177 0.06 -12.38 -11.75
C THR A 177 -1.16 -13.04 -11.07
N GLU A 178 -1.00 -13.38 -9.79
CA GLU A 178 -2.05 -14.00 -8.99
C GLU A 178 -3.24 -13.07 -8.80
N LEU A 179 -2.96 -11.80 -8.50
CA LEU A 179 -4.02 -10.79 -8.27
C LEU A 179 -4.95 -10.68 -9.48
N GLN A 180 -4.36 -10.68 -10.67
CA GLN A 180 -5.11 -10.49 -11.92
C GLN A 180 -6.08 -11.62 -12.23
N LYS A 181 -5.80 -12.81 -11.69
CA LYS A 181 -6.71 -13.94 -11.85
C LYS A 181 -8.00 -13.76 -11.04
N LYS A 182 -8.02 -12.71 -10.22
CA LYS A 182 -9.18 -12.38 -9.39
C LYS A 182 -9.97 -11.20 -9.95
N ILE A 183 -9.66 -10.81 -11.19
CA ILE A 183 -10.32 -9.69 -11.85
C ILE A 183 -11.50 -10.16 -12.69
N TYR A 184 -12.69 -9.63 -12.41
CA TYR A 184 -13.90 -10.01 -13.12
C TYR A 184 -14.77 -8.82 -13.49
N VAL A 185 -15.53 -8.97 -14.58
CA VAL A 185 -16.65 -8.08 -14.84
C VAL A 185 -17.82 -8.63 -14.04
N ILE A 186 -18.40 -7.81 -13.18
CA ILE A 186 -19.46 -8.25 -12.26
C ILE A 186 -20.84 -7.93 -12.83
#